data_5N4Q
#
_entry.id   5N4Q
#
_cell.length_a   66.024
_cell.length_b   66.024
_cell.length_c   100.859
_cell.angle_alpha   90.000
_cell.angle_beta   90.000
_cell.angle_gamma   90.000
#
_symmetry.space_group_name_H-M   'P 41 21 2'
#
loop_
_entity.id
_entity.type
_entity.pdbx_description
1 polymer 'Myelin P2 protein'
2 non-polymer 'PALMITIC ACID'
3 non-polymer 'VACCENIC ACID'
4 non-polymer D-MALATE
5 water water
#
_entity_poly.entity_id   1
_entity_poly.type   'polypeptide(L)'
_entity_poly.pdbx_seq_one_letter_code
;GMSNKFLGTWKLVSSENFDDYMKALGVGLATRKLGNLAKPTVIISKKGDIIPIRTESTFKNTEISFKLGQEFEETTADNR
KTKSIVTLQRGSLNQVQRWDGKETTIKRKLVNGKMVAECKMKGVVCTRIYEKV
;
_entity_poly.pdbx_strand_id   A
#
loop_
_chem_comp.id
_chem_comp.type
_chem_comp.name
_chem_comp.formula
MLT non-polymer D-MALATE 'C4 H6 O5'
PLM non-polymer 'PALMITIC ACID' 'C16 H32 O2'
VCA non-polymer 'VACCENIC ACID' 'C18 H34 O2'
#
# COMPACT_ATOMS: atom_id res chain seq x y z
N GLY A 1 3.55 -18.06 -6.76
CA GLY A 1 2.61 -16.99 -6.30
C GLY A 1 3.18 -16.23 -5.12
N MET A 2 2.35 -15.41 -4.49
CA MET A 2 2.77 -14.65 -3.32
C MET A 2 3.23 -15.57 -2.20
N SER A 3 4.41 -15.30 -1.67
CA SER A 3 4.92 -16.04 -0.50
C SER A 3 3.94 -16.01 0.66
N ASN A 4 3.76 -17.15 1.33
CA ASN A 4 2.90 -17.21 2.50
C ASN A 4 3.46 -16.38 3.65
N LYS A 5 4.71 -15.96 3.55
N LYS A 5 4.71 -15.96 3.55
CA LYS A 5 5.32 -15.15 4.59
CA LYS A 5 5.33 -15.14 4.58
C LYS A 5 4.66 -13.76 4.67
C LYS A 5 4.68 -13.75 4.65
N PHE A 6 3.95 -13.37 3.61
CA PHE A 6 3.19 -12.12 3.60
C PHE A 6 1.96 -12.19 4.49
N LEU A 7 1.43 -13.40 4.65
CA LEU A 7 0.16 -13.59 5.31
C LEU A 7 0.26 -13.28 6.80
N GLY A 8 -0.66 -12.46 7.29
CA GLY A 8 -0.73 -12.15 8.70
C GLY A 8 -1.10 -10.72 8.99
N THR A 9 -0.87 -10.33 10.23
CA THR A 9 -1.20 -8.99 10.70
C THR A 9 0.08 -8.21 10.93
N TRP A 10 0.14 -7.03 10.32
CA TRP A 10 1.33 -6.19 10.31
C TRP A 10 1.06 -4.84 10.95
N LYS A 11 1.97 -4.38 11.80
CA LYS A 11 1.83 -3.10 12.48
C LYS A 11 2.93 -2.14 12.03
N LEU A 12 2.55 -0.92 11.66
CA LEU A 12 3.53 0.09 11.25
C LEU A 12 4.46 0.44 12.41
N VAL A 13 5.76 0.35 12.16
CA VAL A 13 6.74 0.74 13.18
C VAL A 13 7.62 1.93 12.76
N SER A 14 7.62 2.27 11.48
N SER A 14 7.62 2.27 11.48
CA SER A 14 8.39 3.41 10.98
CA SER A 14 8.31 3.47 11.04
C SER A 14 7.81 3.96 9.68
C SER A 14 7.75 3.97 9.72
N SER A 15 7.86 5.28 9.52
CA SER A 15 7.35 5.94 8.32
C SER A 15 8.29 7.08 7.99
N GLU A 16 8.82 7.08 6.77
CA GLU A 16 9.75 8.12 6.33
C GLU A 16 9.21 8.76 5.05
N ASN A 17 8.98 10.07 5.12
CA ASN A 17 8.61 10.92 3.99
C ASN A 17 7.15 10.76 3.57
N PHE A 18 6.33 10.27 4.49
CA PHE A 18 4.90 10.09 4.21
C PHE A 18 4.21 11.42 3.94
N ASP A 19 4.65 12.50 4.59
CA ASP A 19 3.95 13.78 4.42
C ASP A 19 4.10 14.27 2.98
N ASP A 20 5.32 14.27 2.45
CA ASP A 20 5.52 14.68 1.06
C ASP A 20 4.86 13.71 0.08
N TYR A 21 4.75 12.44 0.45
CA TYR A 21 4.07 11.47 -0.42
C TYR A 21 2.59 11.86 -0.49
N MET A 22 1.99 12.11 0.66
CA MET A 22 0.60 12.54 0.71
C MET A 22 0.39 13.86 -0.04
N LYS A 23 1.28 14.82 0.15
CA LYS A 23 1.22 16.07 -0.63
C LYS A 23 1.21 15.81 -2.12
N ALA A 24 2.06 14.90 -2.58
CA ALA A 24 2.16 14.58 -3.99
C ALA A 24 0.83 13.99 -4.52
N LEU A 25 0.10 13.32 -3.63
CA LEU A 25 -1.20 12.74 -3.96
C LEU A 25 -2.31 13.77 -3.95
N GLY A 26 -2.02 14.94 -3.40
CA GLY A 26 -3.01 16.02 -3.34
C GLY A 26 -3.81 16.04 -2.05
N VAL A 27 -3.30 15.36 -1.03
CA VAL A 27 -3.96 15.31 0.27
C VAL A 27 -3.82 16.63 1.01
N GLY A 28 -4.95 17.16 1.49
CA GLY A 28 -4.97 18.41 2.23
C GLY A 28 -4.31 18.36 3.59
N LEU A 29 -4.03 19.54 4.13
CA LEU A 29 -3.26 19.66 5.38
C LEU A 29 -3.86 18.92 6.59
N ALA A 30 -5.13 19.15 6.89
CA ALA A 30 -5.72 18.51 8.06
C ALA A 30 -5.67 16.98 7.94
N THR A 31 -5.88 16.48 6.74
CA THR A 31 -5.86 15.04 6.52
C THR A 31 -4.43 14.52 6.68
N ARG A 32 -3.46 15.26 6.15
CA ARG A 32 -2.05 14.85 6.30
C ARG A 32 -1.63 14.80 7.76
N LYS A 33 -2.09 15.75 8.57
CA LYS A 33 -1.74 15.76 9.99
C LYS A 33 -2.20 14.48 10.68
N LEU A 34 -3.42 14.04 10.38
CA LEU A 34 -3.92 12.81 10.97
C LEU A 34 -3.24 11.59 10.34
N GLY A 35 -2.93 11.68 9.06
CA GLY A 35 -2.28 10.58 8.36
C GLY A 35 -0.90 10.33 8.95
N ASN A 36 -0.22 11.42 9.31
CA ASN A 36 1.13 11.31 9.87
C ASN A 36 1.11 10.77 11.29
N LEU A 37 -0.02 10.90 11.99
CA LEU A 37 -0.14 10.39 13.34
C LEU A 37 -0.62 8.94 13.37
N ALA A 38 -1.17 8.46 12.26
CA ALA A 38 -1.72 7.12 12.19
C ALA A 38 -0.63 6.06 12.23
N LYS A 39 -0.92 4.95 12.90
CA LYS A 39 -0.02 3.81 12.91
C LYS A 39 -0.85 2.58 12.56
N PRO A 40 -1.12 2.41 11.25
CA PRO A 40 -2.10 1.40 10.85
C PRO A 40 -1.64 -0.03 11.04
N THR A 41 -2.63 -0.90 11.13
CA THR A 41 -2.43 -2.33 11.05
C THR A 41 -2.85 -2.78 9.65
N VAL A 42 -2.02 -3.60 9.04
CA VAL A 42 -2.29 -4.12 7.71
C VAL A 42 -2.42 -5.63 7.79
N ILE A 43 -3.55 -6.15 7.30
CA ILE A 43 -3.84 -7.58 7.39
C ILE A 43 -3.92 -8.16 5.99
N ILE A 44 -3.00 -9.07 5.70
CA ILE A 44 -2.94 -9.72 4.40
C ILE A 44 -3.38 -11.16 4.56
N SER A 45 -4.31 -11.58 3.72
CA SER A 45 -4.78 -12.95 3.74
C SER A 45 -4.96 -13.48 2.32
N LYS A 46 -5.38 -14.73 2.22
CA LYS A 46 -5.55 -15.39 0.94
C LYS A 46 -6.80 -16.25 0.96
N LYS A 47 -7.64 -16.09 -0.05
CA LYS A 47 -8.84 -16.91 -0.22
C LYS A 47 -8.86 -17.46 -1.63
N GLY A 48 -8.40 -18.70 -1.79
CA GLY A 48 -8.22 -19.24 -3.12
C GLY A 48 -7.16 -18.44 -3.84
N ASP A 49 -7.50 -17.88 -5.00
N ASP A 49 -7.51 -17.88 -4.99
CA ASP A 49 -6.56 -17.05 -5.74
CA ASP A 49 -6.59 -17.05 -5.77
C ASP A 49 -6.86 -15.56 -5.53
C ASP A 49 -6.81 -15.56 -5.48
N ILE A 50 -7.69 -15.27 -4.53
CA ILE A 50 -7.97 -13.89 -4.13
C ILE A 50 -7.13 -13.49 -2.92
N ILE A 51 -6.55 -12.29 -2.99
CA ILE A 51 -5.71 -11.76 -1.92
C ILE A 51 -6.36 -10.51 -1.33
N PRO A 52 -6.98 -10.63 -0.14
CA PRO A 52 -7.46 -9.43 0.55
C PRO A 52 -6.36 -8.73 1.34
N ILE A 53 -6.31 -7.41 1.25
CA ILE A 53 -5.46 -6.61 2.10
C ILE A 53 -6.32 -5.56 2.79
N ARG A 54 -6.39 -5.66 4.11
CA ARG A 54 -7.18 -4.73 4.91
C ARG A 54 -6.27 -3.83 5.74
N THR A 55 -6.55 -2.54 5.72
CA THR A 55 -5.82 -1.58 6.54
C THR A 55 -6.74 -0.99 7.60
N GLU A 56 -6.28 -1.02 8.85
CA GLU A 56 -7.08 -0.52 9.98
C GLU A 56 -6.34 0.57 10.72
N SER A 57 -7.03 1.69 10.93
CA SER A 57 -6.51 2.75 11.78
C SER A 57 -7.71 3.50 12.35
N THR A 58 -7.47 4.23 13.43
CA THR A 58 -8.53 5.05 14.04
C THR A 58 -9.09 6.04 13.03
N PHE A 59 -8.22 6.62 12.21
CA PHE A 59 -8.64 7.62 11.22
C PHE A 59 -9.43 7.02 10.07
N LYS A 60 -8.83 6.03 9.39
N LYS A 60 -8.85 6.03 9.37
CA LYS A 60 -9.42 5.43 8.20
CA LYS A 60 -9.50 5.45 8.20
C LYS A 60 -9.17 3.93 8.14
C LYS A 60 -9.15 3.99 7.99
N ASN A 61 -10.16 3.19 7.64
CA ASN A 61 -9.98 1.79 7.29
C ASN A 61 -10.10 1.65 5.78
N THR A 62 -9.36 0.74 5.20
CA THR A 62 -9.53 0.43 3.78
C THR A 62 -9.47 -1.07 3.59
N GLU A 63 -10.01 -1.53 2.47
CA GLU A 63 -9.87 -2.93 2.11
C GLU A 63 -9.87 -3.08 0.61
N ILE A 64 -8.95 -3.91 0.12
CA ILE A 64 -8.94 -4.29 -1.28
C ILE A 64 -8.86 -5.80 -1.34
N SER A 65 -9.39 -6.35 -2.43
N SER A 65 -9.37 -6.36 -2.42
CA SER A 65 -9.28 -7.77 -2.73
CA SER A 65 -9.19 -7.78 -2.70
C SER A 65 -9.01 -7.90 -4.22
C SER A 65 -9.03 -7.92 -4.20
N PHE A 66 -8.05 -8.74 -4.59
CA PHE A 66 -7.62 -8.79 -5.97
C PHE A 66 -7.02 -10.14 -6.33
N LYS A 67 -6.99 -10.41 -7.62
CA LYS A 67 -6.21 -11.50 -8.16
C LYS A 67 -4.99 -10.90 -8.82
N LEU A 68 -3.84 -11.55 -8.71
CA LEU A 68 -2.64 -11.02 -9.32
C LEU A 68 -2.87 -10.77 -10.81
N GLY A 69 -2.43 -9.59 -11.25
CA GLY A 69 -2.40 -9.25 -12.66
C GLY A 69 -3.73 -8.85 -13.25
N GLN A 70 -4.78 -8.79 -12.44
CA GLN A 70 -6.11 -8.44 -12.92
C GLN A 70 -6.55 -7.10 -12.36
N GLU A 71 -6.84 -6.16 -13.25
CA GLU A 71 -7.16 -4.81 -12.85
C GLU A 71 -8.45 -4.82 -12.04
N PHE A 72 -8.49 -3.98 -11.00
CA PHE A 72 -9.69 -3.88 -10.16
C PHE A 72 -9.94 -2.44 -9.74
N GLU A 73 -11.18 -2.18 -9.33
N GLU A 73 -11.18 -2.18 -9.33
CA GLU A 73 -11.53 -0.86 -8.82
CA GLU A 73 -11.55 -0.87 -8.82
C GLU A 73 -11.17 -0.76 -7.35
C GLU A 73 -11.17 -0.76 -7.34
N GLU A 74 -10.52 0.33 -6.98
CA GLU A 74 -10.05 0.55 -5.61
C GLU A 74 -10.48 1.93 -5.12
N THR A 75 -10.91 1.99 -3.86
CA THR A 75 -11.09 3.26 -3.16
C THR A 75 -9.99 3.40 -2.14
N THR A 76 -9.15 4.43 -2.28
CA THR A 76 -8.00 4.61 -1.39
C THR A 76 -8.39 5.30 -0.08
N ALA A 77 -7.44 5.32 0.85
CA ALA A 77 -7.68 5.92 2.16
C ALA A 77 -8.02 7.41 2.04
N ASP A 78 -7.49 8.08 1.00
CA ASP A 78 -7.78 9.51 0.80
C ASP A 78 -8.95 9.71 -0.17
N ASN A 79 -9.68 8.63 -0.43
CA ASN A 79 -10.88 8.62 -1.26
C ASN A 79 -10.65 8.89 -2.74
N ARG A 80 -9.50 8.48 -3.27
CA ARG A 80 -9.34 8.38 -4.71
C ARG A 80 -10.03 7.12 -5.20
N LYS A 81 -10.65 7.22 -6.37
CA LYS A 81 -11.23 6.09 -7.05
C LYS A 81 -10.29 5.68 -8.16
N THR A 82 -9.53 4.61 -7.94
CA THR A 82 -8.49 4.24 -8.87
C THR A 82 -8.79 2.93 -9.58
N LYS A 83 -8.09 2.72 -10.70
CA LYS A 83 -8.02 1.41 -11.31
C LYS A 83 -6.63 0.89 -10.98
N SER A 84 -6.57 -0.29 -10.38
CA SER A 84 -5.34 -0.79 -9.78
C SER A 84 -5.00 -2.19 -10.23
N ILE A 85 -3.69 -2.50 -10.21
CA ILE A 85 -3.23 -3.83 -10.55
C ILE A 85 -2.12 -4.17 -9.58
N VAL A 86 -2.12 -5.40 -9.09
CA VAL A 86 -1.05 -5.89 -8.24
C VAL A 86 -0.33 -7.00 -8.99
N THR A 87 1.00 -6.88 -9.06
CA THR A 87 1.82 -7.87 -9.74
C THR A 87 2.86 -8.38 -8.77
N LEU A 88 3.49 -9.49 -9.12
CA LEU A 88 4.55 -10.09 -8.31
C LEU A 88 5.85 -10.05 -9.12
N GLN A 89 6.85 -9.38 -8.58
N GLN A 89 6.87 -9.42 -8.56
CA GLN A 89 8.17 -9.25 -9.23
CA GLN A 89 8.15 -9.24 -9.24
C GLN A 89 9.27 -9.55 -8.24
C GLN A 89 9.30 -9.52 -8.28
N ARG A 90 9.97 -10.66 -8.47
CA ARG A 90 11.07 -11.06 -7.59
C ARG A 90 10.64 -11.05 -6.13
N GLY A 91 9.47 -11.63 -5.86
CA GLY A 91 8.97 -11.76 -4.50
C GLY A 91 8.38 -10.50 -3.92
N SER A 92 8.36 -9.43 -4.72
CA SER A 92 7.80 -8.15 -4.29
C SER A 92 6.35 -8.03 -4.80
N LEU A 93 5.47 -7.56 -3.94
N LEU A 93 5.45 -7.59 -3.93
CA LEU A 93 4.06 -7.38 -4.27
CA LEU A 93 4.08 -7.24 -4.33
C LEU A 93 3.87 -5.92 -4.66
C LEU A 93 4.05 -5.79 -4.78
N ASN A 94 3.69 -5.68 -5.95
N ASN A 94 3.79 -5.56 -6.05
CA ASN A 94 3.75 -4.33 -6.50
CA ASN A 94 3.83 -4.21 -6.62
C ASN A 94 2.38 -3.86 -6.95
C ASN A 94 2.45 -3.76 -7.06
N GLN A 95 1.88 -2.82 -6.29
CA GLN A 95 0.56 -2.28 -6.58
C GLN A 95 0.69 -0.96 -7.32
N VAL A 96 0.03 -0.85 -8.46
CA VAL A 96 -0.03 0.41 -9.18
CA VAL A 96 -0.04 0.41 -9.19
C VAL A 96 -1.48 0.91 -9.17
N GLN A 97 -1.66 2.18 -8.85
CA GLN A 97 -2.99 2.82 -8.84
C GLN A 97 -3.00 3.88 -9.91
N ARG A 98 -4.00 3.87 -10.78
CA ARG A 98 -4.13 4.87 -11.82
C ARG A 98 -5.46 5.59 -11.71
N TRP A 99 -5.41 6.91 -11.83
CA TRP A 99 -6.60 7.75 -11.77
C TRP A 99 -6.30 9.13 -12.35
N ASP A 100 -7.26 9.70 -13.09
CA ASP A 100 -7.14 11.05 -13.63
CA ASP A 100 -7.14 11.05 -13.63
C ASP A 100 -5.79 11.27 -14.34
N GLY A 101 -5.34 10.25 -15.06
CA GLY A 101 -4.11 10.35 -15.81
C GLY A 101 -2.84 10.32 -14.96
N LYS A 102 -3.01 10.09 -13.66
CA LYS A 102 -1.86 9.99 -12.74
C LYS A 102 -1.61 8.54 -12.36
N GLU A 103 -0.46 8.26 -11.76
CA GLU A 103 -0.25 6.95 -11.20
C GLU A 103 0.71 6.99 -10.02
N THR A 104 0.50 6.06 -9.08
CA THR A 104 1.38 5.90 -7.94
C THR A 104 1.60 4.41 -7.76
N THR A 105 2.76 4.04 -7.23
CA THR A 105 3.06 2.64 -6.99
C THR A 105 3.34 2.40 -5.51
N ILE A 106 2.86 1.27 -5.01
CA ILE A 106 3.18 0.83 -3.65
C ILE A 106 3.77 -0.56 -3.75
N LYS A 107 5.07 -0.67 -3.45
N LYS A 107 5.06 -0.65 -3.42
CA LYS A 107 5.77 -1.94 -3.53
CA LYS A 107 5.81 -1.89 -3.50
C LYS A 107 6.02 -2.48 -2.13
C LYS A 107 6.03 -2.47 -2.11
N ARG A 108 5.56 -3.69 -1.88
CA ARG A 108 5.69 -4.33 -0.58
C ARG A 108 6.58 -5.56 -0.69
N LYS A 109 7.61 -5.60 0.14
CA LYS A 109 8.55 -6.72 0.13
C LYS A 109 8.95 -7.09 1.54
N LEU A 110 9.40 -8.34 1.70
CA LEU A 110 9.85 -8.82 3.00
C LEU A 110 11.36 -8.66 3.14
N VAL A 111 11.76 -8.11 4.27
CA VAL A 111 13.16 -7.83 4.57
C VAL A 111 13.43 -8.24 6.00
N ASN A 112 14.24 -9.28 6.17
CA ASN A 112 14.55 -9.82 7.49
C ASN A 112 13.30 -9.96 8.36
N GLY A 113 12.22 -10.46 7.77
CA GLY A 113 11.02 -10.75 8.52
C GLY A 113 10.08 -9.56 8.68
N LYS A 114 10.53 -8.37 8.29
CA LYS A 114 9.68 -7.18 8.30
C LYS A 114 9.08 -6.96 6.93
N MET A 115 7.97 -6.25 6.85
CA MET A 115 7.40 -5.88 5.56
C MET A 115 7.70 -4.41 5.33
N VAL A 116 8.32 -4.13 4.18
CA VAL A 116 8.70 -2.78 3.83
C VAL A 116 7.88 -2.34 2.64
N ALA A 117 7.14 -1.26 2.83
CA ALA A 117 6.35 -0.66 1.77
C ALA A 117 7.03 0.60 1.22
N GLU A 118 7.31 0.59 -0.08
N GLU A 118 7.33 0.58 -0.07
CA GLU A 118 7.82 1.77 -0.79
CA GLU A 118 7.90 1.74 -0.74
C GLU A 118 6.71 2.43 -1.58
C GLU A 118 6.86 2.36 -1.66
N CYS A 119 6.44 3.70 -1.29
N CYS A 119 6.44 3.57 -1.32
CA CYS A 119 5.36 4.44 -1.95
CA CYS A 119 5.38 4.27 -2.04
C CYS A 119 5.97 5.54 -2.81
C CYS A 119 5.94 5.42 -2.84
N LYS A 120 5.67 5.53 -4.12
N LYS A 120 5.64 5.46 -4.14
CA LYS A 120 6.26 6.49 -5.05
CA LYS A 120 6.22 6.46 -5.03
C LYS A 120 5.20 7.25 -5.82
C LYS A 120 5.15 7.21 -5.79
N MET A 121 5.38 8.56 -5.91
N MET A 121 5.19 8.54 -5.68
CA MET A 121 4.46 9.45 -6.60
CA MET A 121 4.46 9.42 -6.59
C MET A 121 5.23 10.69 -7.05
C MET A 121 5.42 10.47 -7.15
N LYS A 122 5.38 10.84 -8.37
N LYS A 122 5.28 10.72 -8.44
CA LYS A 122 6.07 11.98 -8.96
CA LYS A 122 6.22 11.59 -9.15
C LYS A 122 7.46 12.18 -8.36
C LYS A 122 7.62 11.04 -8.88
N GLY A 123 8.26 11.12 -8.32
N GLY A 123 8.48 11.85 -8.30
CA GLY A 123 9.63 11.21 -7.87
CA GLY A 123 9.77 11.38 -7.83
C GLY A 123 9.80 11.26 -6.35
C GLY A 123 9.84 11.34 -6.31
N VAL A 124 8.69 11.42 -5.64
CA VAL A 124 8.69 11.40 -4.17
C VAL A 124 8.57 9.97 -3.68
N VAL A 125 9.48 9.56 -2.80
CA VAL A 125 9.51 8.18 -2.30
C VAL A 125 9.37 8.13 -0.80
N CYS A 126 8.38 7.35 -0.35
CA CYS A 126 8.10 7.15 1.07
C CYS A 126 8.36 5.69 1.42
N THR A 127 9.02 5.46 2.56
CA THR A 127 9.26 4.11 3.03
C THR A 127 8.58 3.88 4.38
N ARG A 128 7.76 2.84 4.43
CA ARG A 128 7.05 2.45 5.64
C ARG A 128 7.38 1.01 5.99
N ILE A 129 7.79 0.80 7.25
CA ILE A 129 8.19 -0.50 7.72
C ILE A 129 7.18 -1.05 8.74
N TYR A 130 6.83 -2.31 8.54
CA TYR A 130 5.87 -3.01 9.38
C TYR A 130 6.47 -4.23 10.07
N GLU A 131 6.05 -4.46 11.31
N GLU A 131 6.04 -4.48 11.30
CA GLU A 131 6.44 -5.66 12.06
CA GLU A 131 6.45 -5.68 12.03
C GLU A 131 5.25 -6.62 12.12
C GLU A 131 5.27 -6.62 12.19
N LYS A 132 5.52 -7.92 12.05
CA LYS A 132 4.47 -8.90 12.18
C LYS A 132 4.06 -9.00 13.66
N VAL A 133 2.76 -9.03 13.91
CA VAL A 133 2.25 -9.14 15.28
C VAL A 133 1.24 -10.27 15.39
C1 PLM B . 1.13 1.29 3.27
O1 PLM B . 2.15 1.37 4.02
O2 PLM B . 0.25 0.39 3.22
C2 PLM B . 0.90 2.48 2.25
C3 PLM B . -0.21 3.45 2.63
C4 PLM B . -0.62 4.43 1.53
C5 PLM B . -1.87 5.25 1.88
C6 PLM B . -2.36 6.20 0.76
C7 PLM B . -2.41 7.69 1.19
C8 PLM B . -3.50 8.02 2.22
C9 PLM B . -3.30 9.39 2.89
CA PLM B . -4.50 9.91 3.69
CB PLM B . -5.08 8.91 4.69
CC PLM B . -4.22 8.73 5.95
CD PLM B . -4.40 7.36 6.61
CE PLM B . -3.20 6.41 6.41
CF PLM B . -3.59 4.92 6.39
CG PLM B . -4.58 4.53 7.50
H21 PLM B . 0.73 2.04 1.26
H22 PLM B . 1.87 3.01 2.16
H31 PLM B . 0.10 4.00 3.53
H32 PLM B . -1.09 2.87 2.95
H41 PLM B . -0.80 3.88 0.59
H42 PLM B . 0.22 5.12 1.32
H51 PLM B . -1.68 5.83 2.79
H52 PLM B . -2.70 4.56 2.14
H61 PLM B . -3.36 5.88 0.43
H62 PLM B . -1.69 6.09 -0.11
H71 PLM B . -2.56 8.31 0.29
H72 PLM B . -1.43 7.97 1.59
H81 PLM B . -3.53 7.24 2.98
H82 PLM B . -4.48 8.00 1.72
H91 PLM B . -3.04 10.14 2.11
H92 PLM B . -2.43 9.34 3.55
HA1 PLM B . -5.30 10.22 2.99
HA2 PLM B . -4.20 10.83 4.23
HB1 PLM B . -5.20 7.94 4.21
HB2 PLM B . -6.08 9.24 5.00
HC1 PLM B . -4.46 9.52 6.67
HC2 PLM B . -3.16 8.87 5.69
HD1 PLM B . -5.31 6.88 6.21
HD2 PLM B . -4.58 7.50 7.68
HE1 PLM B . -2.47 6.58 7.21
HE2 PLM B . -2.69 6.66 5.47
HF1 PLM B . -2.69 4.31 6.48
HF2 PLM B . -4.03 4.69 5.41
HG1 PLM B . -4.84 3.47 7.46
HG2 PLM B . -5.51 5.09 7.42
HG3 PLM B . -4.16 4.73 8.50
O2 VCA C . 1.66 1.83 4.18
C1 VCA C . 0.95 1.51 3.20
O1 VCA C . 0.39 0.37 3.17
C2 VCA C . 0.74 2.49 2.07
C3 VCA C . -0.34 3.47 2.48
C4 VCA C . -0.58 4.50 1.41
C5 VCA C . -1.70 5.41 1.86
C6 VCA C . -1.94 6.50 0.85
C7 VCA C . -3.06 7.41 1.30
C8 VCA C . -2.61 8.26 2.47
C9 VCA C . -3.54 9.45 2.65
C10 VCA C . -4.85 9.00 3.25
C11 VCA C . -5.09 9.69 4.58
C12 VCA C . -4.63 9.20 5.75
C13 VCA C . -3.85 7.89 5.79
C14 VCA C . -3.85 7.28 7.16
C15 VCA C . -4.82 6.12 7.18
C16 VCA C . -4.38 4.87 6.42
C17 VCA C . -2.97 4.92 5.84
C18 VCA C . -2.77 3.70 4.98
H21 VCA C . 0.46 2.01 1.26
H22 VCA C . 1.57 2.98 1.90
H31 VCA C . -0.07 3.92 3.31
H32 VCA C . -1.17 2.98 2.64
H41 VCA C . -0.82 4.06 0.58
H42 VCA C . 0.24 5.03 1.27
H51 VCA C . -1.47 5.81 2.71
H52 VCA C . -2.52 4.88 1.96
H61 VCA C . -2.17 6.09 -0.02
H62 VCA C . -1.12 7.02 0.74
H71 VCA C . -3.83 6.87 1.56
H72 VCA C . -3.33 7.99 0.56
H81 VCA C . -1.70 8.58 2.30
H82 VCA C . -2.62 7.72 3.28
H91 VCA C . -3.71 9.86 1.78
H92 VCA C . -3.11 10.10 3.24
H101 VCA C . -4.82 8.03 3.39
H102 VCA C . -5.58 9.21 2.63
H11 VCA C . -5.59 10.53 4.58
H12 VCA C . -4.81 9.67 6.58
H131 VCA C . -2.93 8.07 5.51
H132 VCA C . -4.26 7.27 5.16
H141 VCA C . -4.11 7.94 7.83
H142 VCA C . -2.94 6.96 7.37
H151 VCA C . -5.67 6.42 6.80
H152 VCA C . -4.98 5.87 8.11
H161 VCA C . -5.01 4.73 5.69
H162 VCA C . -4.44 4.10 7.03
H171 VCA C . -2.32 4.91 6.58
H172 VCA C . -2.86 5.73 5.32
H181 VCA C . -2.97 2.89 5.49
H182 VCA C . -1.84 3.67 4.67
H183 VCA C . -3.37 3.75 4.20
C1 MLT D . -4.00 4.07 14.91
O1 MLT D . -5.18 3.74 15.05
O2 MLT D . -3.68 4.82 13.98
C2 MLT D . -2.95 3.55 15.87
O3 MLT D . -3.58 2.68 16.79
C3 MLT D . -2.27 4.72 16.59
C4 MLT D . -1.21 4.20 17.53
O4 MLT D . -0.78 4.92 18.46
O5 MLT D . -0.72 3.05 17.39
H2 MLT D . -2.19 3.02 15.30
HO3 MLT D . -3.44 3.02 17.70
H31 MLT D . -1.84 5.39 15.87
H32 MLT D . -3.02 5.27 17.16
#